data_4LXU
#
_entry.id   4LXU
#
_cell.length_a   96.534
_cell.length_b   64.884
_cell.length_c   134.458
_cell.angle_alpha   90.00
_cell.angle_beta   110.67
_cell.angle_gamma   90.00
#
_symmetry.space_group_name_H-M   'C 1 2 1'
#
loop_
_entity.id
_entity.type
_entity.pdbx_description
1 polymer 'WlaRD, a sugar 3N-formyl transferase'
2 non-polymer 'N-{[4-({[(6R)-2-amino-5-formyl-4-oxo-1,4,5,6,7,8-hexahydropteridin-6-yl]methyl}amino)phenyl]carbonyl}-L-glutamic acid'
3 non-polymer '3[N-MORPHOLINO]PROPANE SULFONIC ACID'
4 non-polymer '(3R,4S,5R,6R)-4-amino-3,5-dihydroxy-6-methyloxan-2-yl][hydroxy-[[(2R,3S,5R)-3-hydroxy-5-(5-methyl-2,4-dioxopyrimidin-1-yl)oxolan-2-yl]methoxy]phosphoryl] hydrogen phosphate'
5 non-polymer 1,2-ETHANEDIOL
6 non-polymer 'CHLORIDE ION'
7 non-polymer 'SULFATE ION'
8 water water
#
_entity_poly.entity_id   1
_entity_poly.type   'polypeptide(L)'
_entity_poly.pdbx_seq_one_letter_code
;GHMIKICIAGKNNIAVNSLQFILKNYFEADQIVVIPNKNDKGIDSWQKSLLKFALDNNIKIVTLDEIYNIEQIIFFSLEF
DQIIKIENFKSDRLFNIHFSALPKYKGVFTSITPILNNELESGVTLHRIDNGIDTGNIIDQHCFPIDINDTARDLYFNYL
KYGESIFKKNIQTIINNSYKDLKQTNINSSYFSRKDINLVHKINFKKTSFEIHNQIRAFIFQEYQLPIINNSKIIKSILA
NEFIGYNVFEEFENYFIISGIDGFKIIAQKLNKL
;
_entity_poly.pdbx_strand_id   A,B
#
# COMPACT_ATOMS: atom_id res chain seq x y z
N GLY A 1 -17.17 38.70 22.94
CA GLY A 1 -17.39 37.25 22.67
C GLY A 1 -17.86 36.56 23.94
N HIS A 2 -17.85 35.23 23.92
CA HIS A 2 -18.58 34.47 24.91
C HIS A 2 -17.68 34.18 26.10
N MET A 3 -18.27 33.89 27.26
CA MET A 3 -17.53 33.30 28.37
C MET A 3 -16.76 32.03 27.93
N ILE A 4 -17.45 31.17 27.19
CA ILE A 4 -16.89 29.92 26.68
CA ILE A 4 -16.82 29.95 26.74
C ILE A 4 -15.91 30.19 25.53
N LYS A 5 -14.65 29.77 25.65
CA LYS A 5 -13.60 29.96 24.67
C LYS A 5 -13.28 28.70 23.86
N ILE A 6 -13.49 27.51 24.47
CA ILE A 6 -12.96 26.28 23.86
C ILE A 6 -13.89 25.14 24.23
N CYS A 7 -14.08 24.24 23.26
CA CYS A 7 -14.70 22.93 23.54
C CYS A 7 -13.68 21.83 23.18
N ILE A 8 -13.42 20.95 24.15
CA ILE A 8 -12.62 19.72 23.92
C ILE A 8 -13.59 18.60 23.76
N ALA A 9 -13.56 17.92 22.61
CA ALA A 9 -14.49 16.85 22.28
C ALA A 9 -13.67 15.58 21.96
N GLY A 10 -14.03 14.46 22.60
CA GLY A 10 -13.25 13.24 22.32
C GLY A 10 -13.00 12.40 23.53
N LYS A 11 -11.86 11.73 23.49
CA LYS A 11 -11.60 10.68 24.50
C LYS A 11 -10.14 10.39 24.65
N ASN A 12 -9.89 9.57 25.69
CA ASN A 12 -8.60 8.92 25.95
C ASN A 12 -7.51 9.87 26.41
N ASN A 13 -6.28 9.42 26.58
CA ASN A 13 -5.30 10.21 27.29
C ASN A 13 -4.93 11.46 26.47
N ILE A 14 -5.04 11.39 25.15
CA ILE A 14 -4.77 12.61 24.35
C ILE A 14 -5.78 13.71 24.70
N ALA A 15 -7.07 13.42 24.85
CA ALA A 15 -8.07 14.44 25.19
C ALA A 15 -7.87 14.87 26.63
N VAL A 16 -7.70 13.93 27.58
CA VAL A 16 -7.60 14.28 28.99
C VAL A 16 -6.34 15.12 29.23
N ASN A 17 -5.20 14.72 28.67
CA ASN A 17 -3.93 15.41 28.94
C ASN A 17 -3.89 16.75 28.22
N SER A 18 -4.53 16.83 27.06
CA SER A 18 -4.58 18.14 26.36
C SER A 18 -5.53 19.08 27.09
N LEU A 19 -6.64 18.61 27.62
CA LEU A 19 -7.52 19.43 28.46
C LEU A 19 -6.82 19.89 29.72
N GLN A 20 -6.10 18.99 30.38
CA GLN A 20 -5.34 19.36 31.58
C GLN A 20 -4.34 20.45 31.22
N PHE A 21 -3.73 20.38 30.06
CA PHE A 21 -2.71 21.37 29.70
C PHE A 21 -3.39 22.72 29.46
N ILE A 22 -4.55 22.77 28.81
CA ILE A 22 -5.17 24.07 28.67
CA ILE A 22 -5.23 24.04 28.65
CA ILE A 22 -5.36 23.99 28.64
C ILE A 22 -5.69 24.61 29.99
N LEU A 23 -6.18 23.76 30.90
CA LEU A 23 -6.69 24.20 32.21
C LEU A 23 -5.51 24.76 32.99
N LYS A 24 -4.32 24.20 32.86
CA LYS A 24 -3.16 24.63 33.64
C LYS A 24 -2.56 25.91 33.06
N ASN A 25 -2.64 26.13 31.75
CA ASN A 25 -1.79 27.09 31.04
C ASN A 25 -2.55 28.21 30.35
N TYR A 26 -3.81 28.02 30.01
CA TYR A 26 -4.51 28.92 29.10
C TYR A 26 -5.87 29.43 29.58
N PHE A 27 -6.78 28.53 29.93
CA PHE A 27 -8.17 28.79 30.23
C PHE A 27 -8.64 28.23 31.56
N GLU A 28 -9.55 28.91 32.25
CA GLU A 28 -10.15 28.42 33.49
C GLU A 28 -11.34 27.53 33.15
N ALA A 29 -11.78 26.73 34.11
CA ALA A 29 -12.94 25.86 33.94
C ALA A 29 -14.16 26.48 33.31
N ASP A 30 -14.51 27.70 33.75
CA ASP A 30 -15.70 28.35 33.23
C ASP A 30 -15.59 28.77 31.76
N GLN A 31 -14.38 28.73 31.22
CA GLN A 31 -14.12 29.06 29.82
C GLN A 31 -14.12 27.86 28.88
N ILE A 32 -14.31 26.65 29.44
CA ILE A 32 -14.15 25.40 28.70
C ILE A 32 -15.40 24.59 28.83
N VAL A 33 -15.75 23.90 27.74
CA VAL A 33 -16.83 22.90 27.79
C VAL A 33 -16.30 21.64 27.12
N VAL A 34 -16.91 20.50 27.46
CA VAL A 34 -16.40 19.20 26.99
C VAL A 34 -17.54 18.39 26.41
N ILE A 35 -17.26 17.70 25.29
CA ILE A 35 -18.21 16.71 24.73
C ILE A 35 -17.50 15.33 24.69
N PRO A 36 -17.80 14.47 25.67
CA PRO A 36 -17.20 13.11 25.63
C PRO A 36 -17.82 12.30 24.52
N ASN A 37 -17.09 11.25 24.17
CA ASN A 37 -17.65 10.27 23.22
C ASN A 37 -18.81 9.51 23.87
N LYS A 38 -19.61 9.00 22.96
CA LYS A 38 -20.82 8.31 23.41
C LYS A 38 -20.56 7.18 24.40
N ASN A 39 -19.43 6.49 24.24
CA ASN A 39 -19.11 5.33 25.05
C ASN A 39 -18.33 5.66 26.33
N ASP A 40 -18.14 6.93 26.68
CA ASP A 40 -17.34 7.23 27.86
C ASP A 40 -18.17 6.84 29.08
N LYS A 41 -17.54 5.98 29.88
CA LYS A 41 -18.28 5.44 31.02
CA LYS A 41 -18.08 5.31 31.08
C LYS A 41 -18.04 6.23 32.30
N GLY A 42 -17.24 7.30 32.25
CA GLY A 42 -17.14 8.13 33.43
C GLY A 42 -16.22 7.56 34.51
N ILE A 43 -15.42 6.57 34.13
CA ILE A 43 -14.44 5.92 34.95
C ILE A 43 -13.16 5.79 34.15
N ASP A 44 -12.04 5.76 34.82
CA ASP A 44 -10.79 5.42 34.18
C ASP A 44 -10.68 3.92 33.89
N SER A 45 -10.11 3.56 32.76
CA SER A 45 -9.93 2.16 32.39
C SER A 45 -8.50 2.04 31.90
N TRP A 46 -8.27 1.43 30.74
CA TRP A 46 -6.90 1.40 30.24
C TRP A 46 -6.50 2.75 29.59
N GLN A 47 -7.49 3.62 29.42
CA GLN A 47 -7.26 5.07 29.24
C GLN A 47 -8.07 5.84 30.26
N LYS A 48 -7.68 7.09 30.50
CA LYS A 48 -8.48 7.94 31.36
C LYS A 48 -9.76 8.45 30.68
N SER A 49 -10.79 8.69 31.49
CA SER A 49 -12.05 9.24 31.05
C SER A 49 -12.08 10.76 30.98
N LEU A 50 -12.41 11.22 29.77
CA LEU A 50 -12.63 12.67 29.59
C LEU A 50 -13.77 13.17 30.44
N LEU A 51 -14.88 12.43 30.41
CA LEU A 51 -16.04 12.80 31.19
C LEU A 51 -15.71 12.93 32.68
N LYS A 52 -14.97 11.99 33.25
CA LYS A 52 -14.57 12.05 34.65
C LYS A 52 -13.68 13.27 34.89
N PHE A 53 -12.65 13.46 34.08
CA PHE A 53 -11.78 14.61 34.32
C PHE A 53 -12.57 15.92 34.30
N ALA A 54 -13.48 16.07 33.34
CA ALA A 54 -14.24 17.30 33.26
C ALA A 54 -15.07 17.49 34.51
N LEU A 55 -15.78 16.46 34.91
CA LEU A 55 -16.64 16.58 36.11
C LEU A 55 -15.81 16.85 37.34
N ASP A 56 -14.63 16.20 37.45
CA ASP A 56 -13.79 16.41 38.63
C ASP A 56 -13.27 17.83 38.70
N ASN A 57 -13.18 18.49 37.54
CA ASN A 57 -12.57 19.83 37.47
C ASN A 57 -13.61 20.91 37.21
N ASN A 58 -14.87 20.62 37.45
CA ASN A 58 -15.97 21.56 37.34
CA ASN A 58 -16.00 21.53 37.33
C ASN A 58 -16.10 22.17 35.95
N ILE A 59 -15.82 21.38 34.93
CA ILE A 59 -16.07 21.76 33.53
C ILE A 59 -17.38 21.22 33.02
N LYS A 60 -18.23 22.04 32.40
CA LYS A 60 -19.54 21.58 31.98
C LYS A 60 -19.45 20.57 30.81
N ILE A 61 -20.28 19.54 30.89
CA ILE A 61 -20.49 18.59 29.82
C ILE A 61 -21.65 19.11 28.97
N VAL A 62 -21.38 19.22 27.67
CA VAL A 62 -22.34 19.80 26.72
C VAL A 62 -22.58 18.86 25.54
N THR A 63 -23.55 19.19 24.71
CA THR A 63 -23.81 18.55 23.42
C THR A 63 -23.37 19.50 22.31
N LEU A 64 -23.26 18.96 21.10
CA LEU A 64 -22.96 19.77 19.93
C LEU A 64 -23.99 20.89 19.80
N ASP A 65 -25.25 20.51 19.98
CA ASP A 65 -26.34 21.48 19.79
C ASP A 65 -26.13 22.72 20.69
N GLU A 66 -25.57 22.51 21.88
CA GLU A 66 -25.34 23.57 22.86
C GLU A 66 -24.19 24.49 22.52
N ILE A 67 -23.34 24.15 21.57
CA ILE A 67 -22.20 24.98 21.28
C ILE A 67 -22.29 25.61 19.88
N TYR A 68 -23.22 25.17 19.05
CA TYR A 68 -23.22 25.68 17.67
C TYR A 68 -23.29 27.20 17.59
N ASN A 69 -24.04 27.79 18.53
CA ASN A 69 -24.27 29.25 18.43
C ASN A 69 -23.28 30.09 19.21
N ILE A 70 -22.22 29.50 19.75
CA ILE A 70 -21.25 30.25 20.52
C ILE A 70 -20.23 30.87 19.57
N GLU A 71 -20.27 32.19 19.49
CA GLU A 71 -19.39 32.92 18.62
C GLU A 71 -17.94 32.68 19.00
N GLN A 72 -17.14 32.42 17.98
CA GLN A 72 -15.71 32.36 18.09
C GLN A 72 -15.16 31.22 18.95
N ILE A 73 -16.01 30.26 19.27
CA ILE A 73 -15.49 29.13 20.07
C ILE A 73 -14.49 28.33 19.26
N ILE A 74 -13.47 27.86 19.96
CA ILE A 74 -12.53 26.90 19.35
C ILE A 74 -13.07 25.49 19.59
N PHE A 75 -13.38 24.79 18.51
CA PHE A 75 -13.84 23.39 18.68
C PHE A 75 -12.63 22.51 18.36
N PHE A 76 -12.22 21.68 19.32
CA PHE A 76 -11.07 20.81 19.12
C PHE A 76 -11.43 19.35 19.36
N SER A 77 -11.42 18.57 18.28
CA SER A 77 -11.63 17.13 18.35
C SER A 77 -10.30 16.41 18.58
N LEU A 78 -10.33 15.58 19.63
CA LEU A 78 -9.21 14.70 20.00
C LEU A 78 -9.83 13.30 20.16
N GLU A 79 -9.85 12.59 19.05
CA GLU A 79 -10.51 11.29 18.97
C GLU A 79 -12.01 11.35 19.17
N PHE A 80 -12.63 12.46 18.76
CA PHE A 80 -14.08 12.57 18.80
C PHE A 80 -14.78 11.63 17.82
N ASP A 81 -15.92 11.14 18.27
CA ASP A 81 -16.65 10.07 17.57
C ASP A 81 -17.71 10.52 16.59
N GLN A 82 -18.02 11.81 16.58
CA GLN A 82 -19.09 12.31 15.70
C GLN A 82 -18.57 13.14 14.54
N ILE A 83 -19.03 12.88 13.33
CA ILE A 83 -18.78 13.69 12.14
CA ILE A 83 -18.73 13.73 12.16
C ILE A 83 -19.62 14.97 12.24
N ILE A 84 -18.97 16.10 12.27
CA ILE A 84 -19.71 17.39 12.35
C ILE A 84 -19.95 17.93 10.95
N LYS A 85 -20.91 18.86 10.94
CA LYS A 85 -21.24 19.62 9.71
C LYS A 85 -20.91 21.07 9.99
N ILE A 86 -19.99 21.65 9.23
CA ILE A 86 -19.44 22.93 9.57
C ILE A 86 -20.50 24.03 9.53
N GLU A 87 -21.55 23.85 8.73
CA GLU A 87 -22.52 24.96 8.61
C GLU A 87 -23.44 24.99 9.81
N ASN A 88 -23.41 24.00 10.71
CA ASN A 88 -24.14 24.10 11.96
C ASN A 88 -23.52 25.19 12.85
N PHE A 89 -22.24 25.45 12.70
CA PHE A 89 -21.50 26.31 13.65
C PHE A 89 -21.44 27.77 13.20
N LYS A 90 -21.60 28.69 14.15
CA LYS A 90 -21.26 30.11 13.89
C LYS A 90 -19.78 30.26 13.69
N SER A 91 -18.99 29.60 14.57
CA SER A 91 -17.54 29.67 14.47
C SER A 91 -16.99 28.79 13.35
N ASP A 92 -15.92 29.24 12.73
CA ASP A 92 -15.13 28.50 11.76
C ASP A 92 -13.82 27.97 12.37
N ARG A 93 -13.67 27.98 13.70
CA ARG A 93 -12.41 27.60 14.32
C ARG A 93 -12.50 26.14 14.78
N LEU A 94 -12.45 25.25 13.79
CA LEU A 94 -12.78 23.81 14.02
C LEU A 94 -11.55 22.97 13.66
N PHE A 95 -11.06 22.19 14.61
CA PHE A 95 -9.77 21.52 14.47
C PHE A 95 -9.83 20.07 14.97
N ASN A 96 -8.92 19.27 14.39
CA ASN A 96 -8.80 17.84 14.76
C ASN A 96 -7.33 17.48 14.69
N ILE A 97 -6.95 16.49 15.54
CA ILE A 97 -5.68 15.78 15.35
C ILE A 97 -6.02 14.34 14.85
N HIS A 98 -5.56 14.04 13.64
CA HIS A 98 -5.76 12.75 12.99
C HIS A 98 -4.55 11.87 13.19
N PHE A 99 -4.84 10.63 13.60
CA PHE A 99 -3.77 9.64 13.80
C PHE A 99 -3.33 8.93 12.51
N SER A 100 -2.82 9.71 11.57
CA SER A 100 -2.04 9.15 10.46
C SER A 100 -1.21 10.27 9.88
N ALA A 101 -0.34 9.94 8.95
CA ALA A 101 0.39 10.95 8.17
C ALA A 101 -0.46 11.27 6.94
N LEU A 102 -1.41 12.21 7.08
CA LEU A 102 -2.28 12.59 5.95
C LEU A 102 -1.37 13.11 4.84
N PRO A 103 -1.78 12.87 3.59
CA PRO A 103 -3.10 12.44 3.20
C PRO A 103 -3.42 10.95 3.26
N LYS A 104 -2.42 10.14 3.62
CA LYS A 104 -2.65 8.69 3.73
C LYS A 104 -3.50 8.34 4.95
N TYR A 105 -4.32 7.29 4.83
CA TYR A 105 -4.99 6.64 5.96
C TYR A 105 -5.95 7.60 6.65
N LYS A 106 -6.75 8.27 5.82
CA LYS A 106 -8.00 8.87 6.30
C LYS A 106 -8.93 7.78 6.83
N GLY A 107 -9.90 8.15 7.64
CA GLY A 107 -10.92 7.22 8.07
C GLY A 107 -10.59 6.64 9.44
N VAL A 108 -10.79 5.33 9.60
CA VAL A 108 -10.80 4.70 10.92
C VAL A 108 -9.75 3.58 10.97
N PHE A 109 -9.62 3.05 12.18
CA PHE A 109 -8.68 1.89 12.36
C PHE A 109 -7.27 2.24 11.96
N THR A 110 -6.80 3.45 12.28
CA THR A 110 -5.52 3.86 11.75
C THR A 110 -4.30 3.32 12.49
N SER A 111 -4.52 2.55 13.56
CA SER A 111 -3.46 1.75 14.14
C SER A 111 -3.32 0.42 13.42
N ILE A 112 -4.31 0.05 12.62
CA ILE A 112 -4.26 -1.22 11.86
C ILE A 112 -3.84 -0.94 10.40
N THR A 113 -4.48 0.06 9.77
CA THR A 113 -4.32 0.17 8.32
C THR A 113 -2.92 0.48 7.80
N PRO A 114 -2.13 1.32 8.46
CA PRO A 114 -0.76 1.50 7.96
C PRO A 114 0.09 0.22 8.04
N ILE A 115 -0.05 -0.51 9.13
CA ILE A 115 0.72 -1.76 9.29
C ILE A 115 0.30 -2.79 8.27
N LEU A 116 -0.99 -2.96 8.09
CA LEU A 116 -1.55 -3.91 7.15
C LEU A 116 -1.17 -3.59 5.73
N ASN A 117 -0.89 -2.31 5.44
CA ASN A 117 -0.46 -1.88 4.13
C ASN A 117 1.03 -1.63 4.03
N ASN A 118 1.76 -2.26 4.97
CA ASN A 118 3.21 -2.40 4.77
C ASN A 118 4.02 -1.15 4.95
N GLU A 119 3.47 -0.19 5.71
CA GLU A 119 4.22 1.03 5.95
C GLU A 119 5.33 0.88 6.98
N LEU A 120 6.37 1.71 6.79
CA LEU A 120 7.49 1.78 7.74
C LEU A 120 7.38 2.95 8.71
N GLU A 121 6.43 3.85 8.43
CA GLU A 121 6.23 5.07 9.21
C GLU A 121 4.73 5.40 9.25
N SER A 122 4.39 6.17 10.27
CA SER A 122 3.09 6.82 10.32
C SER A 122 3.30 8.25 10.80
N GLY A 123 2.23 8.86 11.32
CA GLY A 123 2.34 10.23 11.78
C GLY A 123 1.08 10.62 12.52
N VAL A 124 1.13 11.83 13.10
CA VAL A 124 -0.07 12.54 13.59
C VAL A 124 -0.19 13.86 12.85
N THR A 125 -1.40 14.27 12.52
CA THR A 125 -1.61 15.46 11.70
C THR A 125 -2.64 16.36 12.31
N LEU A 126 -2.26 17.61 12.63
CA LEU A 126 -3.26 18.61 13.04
C LEU A 126 -3.83 19.27 11.79
N HIS A 127 -5.13 19.33 11.70
CA HIS A 127 -5.79 19.91 10.52
C HIS A 127 -7.08 20.63 10.87
N ARG A 128 -7.54 21.51 9.98
CA ARG A 128 -8.85 22.10 10.07
C ARG A 128 -9.87 21.02 9.79
N ILE A 129 -11.01 21.03 10.46
CA ILE A 129 -12.14 20.19 10.11
C ILE A 129 -12.93 20.85 9.00
N ASP A 130 -13.14 20.16 7.89
CA ASP A 130 -14.13 20.49 6.87
C ASP A 130 -15.19 19.42 6.82
N ASN A 131 -16.15 19.44 5.89
CA ASN A 131 -17.24 18.50 5.96
C ASN A 131 -16.89 17.04 5.57
N GLY A 132 -15.72 16.83 5.00
CA GLY A 132 -15.25 15.46 4.73
C GLY A 132 -14.55 14.87 5.93
N ILE A 133 -14.25 13.59 5.77
CA ILE A 133 -13.54 12.81 6.82
C ILE A 133 -12.02 12.94 6.64
N ASP A 134 -11.38 13.69 7.53
CA ASP A 134 -9.95 13.91 7.59
C ASP A 134 -9.38 14.55 6.34
N THR A 135 -10.21 15.42 5.72
CA THR A 135 -9.91 16.02 4.43
C THR A 135 -9.45 17.48 4.52
N GLY A 136 -9.59 18.10 5.70
CA GLY A 136 -9.36 19.55 5.80
C GLY A 136 -7.90 19.88 5.74
N ASN A 137 -7.59 21.18 5.67
CA ASN A 137 -6.24 21.62 5.39
C ASN A 137 -5.30 21.31 6.55
N ILE A 138 -4.06 20.97 6.25
CA ILE A 138 -3.08 20.54 7.22
C ILE A 138 -2.39 21.74 7.84
N ILE A 139 -2.33 21.78 9.16
CA ILE A 139 -1.62 22.82 9.92
C ILE A 139 -0.24 22.37 10.36
N ASP A 140 -0.10 21.12 10.84
CA ASP A 140 1.18 20.61 11.26
C ASP A 140 1.11 19.09 11.18
N GLN A 141 2.28 18.46 11.02
CA GLN A 141 2.40 17.01 11.02
C GLN A 141 3.69 16.61 11.67
N HIS A 142 3.63 15.49 12.38
CA HIS A 142 4.81 14.85 12.89
C HIS A 142 4.83 13.36 12.51
N CYS A 143 5.78 12.98 11.67
CA CYS A 143 5.93 11.59 11.23
C CYS A 143 6.89 10.87 12.14
N PHE A 144 6.70 9.56 12.31
CA PHE A 144 7.52 8.77 13.21
C PHE A 144 7.54 7.32 12.71
N PRO A 145 8.53 6.50 13.11
CA PRO A 145 8.62 5.14 12.60
C PRO A 145 7.59 4.18 13.18
N ILE A 146 7.19 3.24 12.32
CA ILE A 146 6.57 1.99 12.82
C ILE A 146 7.71 0.97 12.90
N ASP A 147 8.17 0.69 14.12
CA ASP A 147 9.33 -0.20 14.20
C ASP A 147 8.85 -1.58 13.77
N ILE A 148 9.81 -2.38 13.34
CA ILE A 148 9.51 -3.60 12.60
C ILE A 148 8.67 -4.59 13.38
N ASN A 149 8.80 -4.60 14.71
CA ASN A 149 7.97 -5.52 15.47
C ASN A 149 6.91 -4.83 16.31
N ASP A 150 6.65 -3.56 16.00
CA ASP A 150 5.54 -2.88 16.67
C ASP A 150 4.20 -3.51 16.31
N THR A 151 3.29 -3.53 17.28
CA THR A 151 1.91 -3.99 17.05
C THR A 151 1.02 -2.76 16.84
N ALA A 152 -0.23 -3.03 16.52
CA ALA A 152 -1.26 -1.95 16.44
C ALA A 152 -1.38 -1.24 17.77
N ARG A 153 -1.27 -1.93 18.89
CA ARG A 153 -1.35 -1.30 20.20
C ARG A 153 -0.13 -0.38 20.37
N ASP A 154 1.07 -0.81 20.03
CA ASP A 154 2.24 0.03 20.16
C ASP A 154 2.05 1.29 19.31
N LEU A 155 1.56 1.12 18.09
CA LEU A 155 1.31 2.28 17.22
C LEU A 155 0.32 3.23 17.83
N TYR A 156 -0.78 2.71 18.39
CA TYR A 156 -1.79 3.57 19.01
C TYR A 156 -1.21 4.37 20.16
N PHE A 157 -0.40 3.77 21.03
CA PHE A 157 0.19 4.51 22.16
C PHE A 157 1.21 5.53 21.61
N ASN A 158 1.87 5.31 20.47
CA ASN A 158 2.65 6.38 19.83
C ASN A 158 1.74 7.50 19.33
N TYR A 159 0.60 7.19 18.71
CA TYR A 159 -0.29 8.31 18.34
C TYR A 159 -0.66 9.10 19.56
N LEU A 160 -1.02 8.46 20.65
CA LEU A 160 -1.43 9.18 21.84
C LEU A 160 -0.36 10.15 22.28
N LYS A 161 0.88 9.70 22.29
CA LYS A 161 2.02 10.49 22.78
C LYS A 161 2.35 11.60 21.80
N TYR A 162 2.49 11.28 20.53
CA TYR A 162 2.85 12.32 19.58
C TYR A 162 1.68 13.26 19.30
N GLY A 163 0.45 12.78 19.41
CA GLY A 163 -0.75 13.60 19.23
C GLY A 163 -0.82 14.62 20.37
N GLU A 164 -0.58 14.20 21.60
CA GLU A 164 -0.58 15.12 22.74
C GLU A 164 0.51 16.18 22.50
N SER A 165 1.67 15.79 22.02
CA SER A 165 2.77 16.73 21.81
CA SER A 165 2.76 16.73 21.82
C SER A 165 2.46 17.70 20.69
N ILE A 166 1.84 17.29 19.59
CA ILE A 166 1.52 18.23 18.49
C ILE A 166 0.44 19.19 18.94
N PHE A 167 -0.45 18.76 19.84
CA PHE A 167 -1.43 19.68 20.43
C PHE A 167 -0.69 20.79 21.20
N LYS A 168 0.20 20.41 22.09
CA LYS A 168 0.89 21.40 22.93
C LYS A 168 1.68 22.34 22.02
N LYS A 169 2.26 21.86 20.92
CA LYS A 169 3.18 22.63 20.07
C LYS A 169 2.39 23.71 19.37
N ASN A 170 1.13 23.48 19.05
CA ASN A 170 0.38 24.30 18.14
C ASN A 170 -0.75 25.08 18.78
N ILE A 171 -1.10 24.76 20.02
CA ILE A 171 -2.33 25.31 20.59
C ILE A 171 -2.30 26.85 20.71
N GLN A 172 -1.14 27.42 21.03
CA GLN A 172 -1.15 28.91 21.18
C GLN A 172 -1.48 29.61 19.86
N THR A 173 -0.96 29.08 18.76
CA THR A 173 -1.31 29.66 17.45
C THR A 173 -2.74 29.42 17.06
N ILE A 174 -3.34 28.31 17.52
CA ILE A 174 -4.75 28.11 17.28
C ILE A 174 -5.58 29.10 18.08
N ILE A 175 -5.25 29.28 19.36
CA ILE A 175 -5.95 30.26 20.19
C ILE A 175 -5.83 31.67 19.60
N ASN A 176 -4.64 32.00 19.12
CA ASN A 176 -4.41 33.34 18.56
C ASN A 176 -4.79 33.46 17.10
N ASN A 177 -5.30 32.39 16.50
CA ASN A 177 -5.69 32.34 15.08
C ASN A 177 -4.56 32.80 14.16
N SER A 178 -3.34 32.41 14.47
CA SER A 178 -2.14 32.85 13.76
C SER A 178 -1.46 31.70 13.04
N TYR A 179 -2.09 30.52 13.01
CA TYR A 179 -1.47 29.38 12.35
C TYR A 179 -1.52 29.52 10.81
N LYS A 180 -0.76 28.66 10.16
CA LYS A 180 -0.81 28.58 8.69
C LYS A 180 -1.23 27.15 8.32
N ASP A 181 -1.86 27.03 7.16
CA ASP A 181 -2.21 25.69 6.71
C ASP A 181 -2.07 25.55 5.20
N LEU A 182 -2.19 24.31 4.72
CA LEU A 182 -2.06 23.99 3.30
CA LEU A 182 -2.09 24.01 3.30
C LEU A 182 -3.08 22.92 2.90
N LYS A 183 -3.76 23.06 1.78
CA LYS A 183 -4.72 22.06 1.33
C LYS A 183 -4.01 20.71 1.11
N GLN A 184 -4.77 19.64 1.34
CA GLN A 184 -4.23 18.29 1.07
C GLN A 184 -4.18 18.01 -0.44
N THR A 185 -3.16 17.25 -0.84
CA THR A 185 -3.06 16.73 -2.21
C THR A 185 -4.14 15.70 -2.57
N ASN A 186 -4.46 15.50 -3.84
CA ASN A 186 -5.26 14.36 -4.28
C ASN A 186 -4.38 13.11 -4.31
N ILE A 187 -3.12 13.23 -4.67
CA ILE A 187 -2.30 12.02 -4.83
C ILE A 187 -1.89 11.59 -3.43
N ASN A 188 -1.69 10.29 -3.29
CA ASN A 188 -1.39 9.60 -2.04
C ASN A 188 -2.54 9.57 -1.05
N SER A 189 -3.68 10.17 -1.34
CA SER A 189 -4.79 10.16 -0.39
C SER A 189 -5.38 8.76 -0.37
N SER A 190 -5.55 8.21 0.83
CA SER A 190 -6.23 6.93 0.99
C SER A 190 -7.18 6.94 2.18
N TYR A 191 -8.08 5.98 2.27
CA TYR A 191 -9.17 6.04 3.22
C TYR A 191 -9.64 4.63 3.50
N PHE A 192 -9.93 4.34 4.76
CA PHE A 192 -10.50 3.05 5.11
C PHE A 192 -11.67 3.30 6.04
N SER A 193 -12.77 2.62 5.79
CA SER A 193 -13.95 2.65 6.65
C SER A 193 -14.04 1.40 7.49
N ARG A 194 -14.97 1.34 8.44
CA ARG A 194 -15.06 0.18 9.32
CA ARG A 194 -15.11 0.19 9.31
C ARG A 194 -15.30 -1.07 8.48
N LYS A 195 -16.10 -1.00 7.44
CA LYS A 195 -16.43 -2.17 6.63
C LYS A 195 -15.21 -2.71 5.90
N ASP A 196 -14.15 -1.94 5.70
CA ASP A 196 -13.01 -2.39 4.92
C ASP A 196 -12.12 -3.34 5.76
N ILE A 197 -12.32 -3.37 7.07
CA ILE A 197 -11.43 -4.17 7.93
C ILE A 197 -12.29 -5.21 8.67
N ASN A 198 -11.95 -6.48 8.46
CA ASN A 198 -12.54 -7.53 9.28
C ASN A 198 -11.66 -7.77 10.50
N LEU A 199 -12.20 -7.50 11.67
CA LEU A 199 -11.39 -7.50 12.87
C LEU A 199 -10.99 -8.89 13.34
N VAL A 200 -11.63 -9.90 12.75
CA VAL A 200 -11.19 -11.28 12.94
C VAL A 200 -10.41 -11.63 11.69
N HIS A 201 -9.11 -11.34 11.73
CA HIS A 201 -8.30 -11.49 10.52
C HIS A 201 -7.98 -12.97 10.23
N LYS A 202 -8.16 -13.34 8.98
CA LYS A 202 -7.73 -14.65 8.50
C LYS A 202 -6.45 -14.40 7.70
N ILE A 203 -5.33 -14.96 8.16
CA ILE A 203 -4.03 -14.71 7.57
C ILE A 203 -3.92 -15.41 6.21
N ASN A 204 -3.45 -14.68 5.20
CA ASN A 204 -3.02 -15.24 3.93
C ASN A 204 -1.54 -15.55 4.06
N PHE A 205 -1.26 -16.85 4.06
CA PHE A 205 0.11 -17.31 4.20
C PHE A 205 0.89 -17.39 2.89
N LYS A 206 0.19 -17.21 1.77
CA LYS A 206 0.84 -17.17 0.45
C LYS A 206 1.27 -15.73 0.14
N LYS A 207 2.14 -15.25 1.01
CA LYS A 207 2.59 -13.87 1.04
C LYS A 207 4.02 -13.82 1.50
N THR A 208 4.76 -12.74 1.42
CA THR A 208 6.09 -12.63 1.95
C THR A 208 6.05 -12.70 3.48
N SER A 209 7.21 -13.02 4.07
CA SER A 209 7.32 -13.01 5.54
C SER A 209 6.93 -11.61 6.08
N PHE A 210 7.42 -10.54 5.46
CA PHE A 210 7.06 -9.18 5.91
C PHE A 210 5.54 -9.04 5.88
N GLU A 211 4.87 -9.46 4.82
CA GLU A 211 3.42 -9.39 4.77
C GLU A 211 2.70 -10.24 5.79
N ILE A 212 3.19 -11.47 6.07
CA ILE A 212 2.49 -12.30 7.05
C ILE A 212 2.66 -11.72 8.45
N HIS A 213 3.87 -11.26 8.71
CA HIS A 213 4.18 -10.57 9.98
C HIS A 213 3.29 -9.34 10.14
N ASN A 214 3.18 -8.55 9.08
CA ASN A 214 2.36 -7.33 9.18
C ASN A 214 0.91 -7.67 9.38
N GLN A 215 0.36 -8.68 8.72
CA GLN A 215 -0.96 -9.15 8.99
C GLN A 215 -1.19 -9.53 10.45
N ILE A 216 -0.25 -10.27 11.03
CA ILE A 216 -0.39 -10.62 12.44
C ILE A 216 -0.35 -9.36 13.32
N ARG A 217 0.71 -8.57 13.24
CA ARG A 217 0.90 -7.53 14.28
C ARG A 217 -0.10 -6.37 14.08
N ALA A 218 -0.64 -6.21 12.87
CA ALA A 218 -1.68 -5.19 12.68
C ALA A 218 -2.89 -5.45 13.51
N PHE A 219 -3.15 -6.67 13.94
CA PHE A 219 -4.32 -7.01 14.71
C PHE A 219 -4.04 -7.31 16.19
N ILE A 220 -2.82 -7.08 16.58
CA ILE A 220 -2.46 -7.33 17.98
C ILE A 220 -2.82 -6.02 18.75
N PHE A 221 -3.95 -6.10 19.44
CA PHE A 221 -4.34 -4.97 20.30
C PHE A 221 -5.22 -5.56 21.38
N GLN A 222 -4.57 -6.08 22.40
CA GLN A 222 -5.24 -7.07 23.26
C GLN A 222 -6.51 -6.58 23.93
N GLU A 223 -6.57 -5.28 24.22
CA GLU A 223 -7.78 -4.68 24.78
C GLU A 223 -9.02 -4.90 23.90
N TYR A 224 -8.79 -5.15 22.60
CA TYR A 224 -9.83 -5.42 21.65
C TYR A 224 -9.79 -6.88 21.12
N GLN A 225 -8.69 -7.29 20.49
CA GLN A 225 -8.63 -8.69 19.99
C GLN A 225 -7.18 -8.99 19.79
N LEU A 226 -6.92 -10.29 19.63
CA LEU A 226 -5.64 -10.79 19.13
C LEU A 226 -5.89 -11.70 17.94
N PRO A 227 -5.01 -11.72 16.96
CA PRO A 227 -5.17 -12.63 15.83
C PRO A 227 -4.92 -14.06 16.33
N ILE A 228 -5.63 -14.97 15.65
CA ILE A 228 -5.61 -16.38 16.09
C ILE A 228 -5.07 -17.28 15.00
N ILE A 229 -4.16 -18.19 15.40
CA ILE A 229 -3.58 -19.16 14.48
C ILE A 229 -3.86 -20.52 15.13
N ASN A 230 -4.56 -21.39 14.39
CA ASN A 230 -4.97 -22.70 14.92
C ASN A 230 -5.58 -22.61 16.32
N ASN A 231 -6.58 -21.77 16.50
CA ASN A 231 -7.06 -21.57 17.88
C ASN A 231 -6.13 -21.11 19.03
N SER A 232 -4.93 -20.60 18.77
CA SER A 232 -4.17 -19.84 19.76
C SER A 232 -4.06 -18.34 19.38
N LYS A 233 -4.34 -17.47 20.35
CA LYS A 233 -4.10 -16.05 20.22
C LYS A 233 -2.62 -15.80 20.22
N ILE A 234 -2.21 -14.84 19.39
CA ILE A 234 -0.85 -14.42 19.21
C ILE A 234 -0.71 -13.05 19.88
N ILE A 235 0.27 -12.90 20.77
CA ILE A 235 0.54 -11.65 21.45
C ILE A 235 1.71 -10.87 20.84
N LYS A 236 2.59 -11.49 20.07
CA LYS A 236 3.74 -10.77 19.56
C LYS A 236 4.23 -11.50 18.32
N SER A 237 4.60 -10.75 17.29
CA SER A 237 5.30 -11.33 16.15
C SER A 237 6.66 -10.70 16.00
N ILE A 238 7.66 -11.54 15.71
CA ILE A 238 9.04 -11.11 15.61
C ILE A 238 9.56 -11.49 14.22
N LEU A 239 9.93 -10.51 13.40
CA LEU A 239 10.47 -10.81 12.04
C LEU A 239 11.98 -10.65 12.02
N ALA A 240 12.68 -11.67 11.52
CA ALA A 240 14.14 -11.60 11.41
C ALA A 240 14.56 -11.66 9.95
N ASN A 241 15.81 -11.28 9.71
CA ASN A 241 16.49 -11.43 8.43
C ASN A 241 17.02 -12.83 8.11
N GLU A 242 16.81 -13.78 9.00
CA GLU A 242 17.33 -15.13 8.83
C GLU A 242 16.48 -15.88 7.80
N PHE A 243 17.11 -16.45 6.79
CA PHE A 243 16.43 -17.27 5.80
C PHE A 243 16.25 -18.69 6.35
N ILE A 244 15.04 -19.23 6.39
CA ILE A 244 14.82 -20.58 6.94
C ILE A 244 14.18 -21.54 5.95
N GLY A 245 14.19 -21.09 4.68
CA GLY A 245 13.45 -21.85 3.69
C GLY A 245 12.08 -21.26 3.42
N TYR A 246 11.52 -21.57 2.25
CA TYR A 246 10.25 -20.96 1.83
C TYR A 246 9.07 -21.63 2.49
N ASN A 247 8.05 -20.87 2.87
CA ASN A 247 6.78 -21.46 3.24
C ASN A 247 6.87 -22.42 4.42
N VAL A 248 7.65 -22.02 5.42
CA VAL A 248 7.67 -22.78 6.67
C VAL A 248 6.42 -22.55 7.52
N PHE A 249 5.81 -23.57 8.11
CA PHE A 249 4.87 -23.35 9.18
C PHE A 249 5.02 -24.50 10.17
N GLU A 250 5.41 -24.19 11.39
CA GLU A 250 5.51 -25.21 12.43
CA GLU A 250 5.47 -25.23 12.43
C GLU A 250 4.95 -24.69 13.74
N GLU A 251 4.03 -25.41 14.36
CA GLU A 251 3.50 -25.08 15.68
C GLU A 251 4.24 -25.72 16.84
N PHE A 252 4.58 -24.94 17.86
CA PHE A 252 5.20 -25.42 19.10
C PHE A 252 4.26 -25.03 20.25
N GLU A 253 4.55 -25.51 21.46
CA GLU A 253 3.68 -25.17 22.58
C GLU A 253 3.51 -23.67 22.80
N ASN A 254 4.60 -22.93 22.66
CA ASN A 254 4.61 -21.51 23.09
C ASN A 254 4.62 -20.54 21.89
N TYR A 255 4.77 -21.04 20.66
CA TYR A 255 5.00 -20.12 19.52
C TYR A 255 4.83 -20.92 18.23
N PHE A 256 4.74 -20.22 17.10
CA PHE A 256 4.82 -20.77 15.76
C PHE A 256 6.07 -20.24 15.11
N ILE A 257 6.70 -21.06 14.26
CA ILE A 257 7.73 -20.57 13.40
C ILE A 257 7.14 -20.56 12.00
N ILE A 258 7.29 -19.41 11.29
CA ILE A 258 6.59 -19.25 10.03
C ILE A 258 7.57 -18.56 9.09
N SER A 259 7.48 -18.88 7.79
CA SER A 259 8.08 -18.02 6.78
C SER A 259 7.15 -18.02 5.59
N GLY A 260 7.27 -16.93 4.82
CA GLY A 260 6.44 -16.85 3.61
C GLY A 260 7.22 -17.20 2.38
N ILE A 261 6.77 -16.64 1.26
CA ILE A 261 7.29 -17.04 -0.05
C ILE A 261 8.74 -16.63 -0.27
N ASP A 262 9.25 -15.75 0.58
CA ASP A 262 10.63 -15.34 0.53
C ASP A 262 11.50 -15.94 1.67
N GLY A 263 10.84 -16.67 2.53
CA GLY A 263 11.60 -17.56 3.45
C GLY A 263 12.18 -16.93 4.70
N PHE A 264 11.92 -15.66 5.06
CA PHE A 264 12.48 -15.09 6.28
C PHE A 264 11.75 -15.51 7.54
N LYS A 265 12.50 -15.72 8.64
CA LYS A 265 11.89 -16.29 9.84
C LYS A 265 10.98 -15.33 10.63
N ILE A 266 9.80 -15.83 10.94
CA ILE A 266 8.86 -15.12 11.82
C ILE A 266 8.72 -16.04 13.06
N ILE A 267 8.70 -15.47 14.26
CA ILE A 267 8.30 -16.19 15.47
C ILE A 267 6.99 -15.53 15.89
N ALA A 268 5.90 -16.29 15.92
CA ALA A 268 4.62 -15.76 16.37
C ALA A 268 4.42 -16.33 17.78
N GLN A 269 4.54 -15.47 18.79
CA GLN A 269 4.49 -15.90 20.19
C GLN A 269 3.05 -16.03 20.64
N LYS A 270 2.65 -17.17 21.21
CA LYS A 270 1.32 -17.36 21.73
C LYS A 270 1.13 -16.60 23.04
N LEU A 271 -0.07 -16.04 23.20
CA LEU A 271 -0.43 -15.48 24.51
C LEU A 271 -0.33 -16.55 25.58
N ASN A 272 0.34 -16.17 26.66
CA ASN A 272 0.74 -17.08 27.74
C ASN A 272 -0.48 -17.69 28.42
N LYS A 273 -1.63 -17.04 28.29
CA LYS A 273 -2.88 -17.68 28.68
C LYS A 273 -3.20 -18.94 27.89
N GLY B 1 33.20 -26.49 -24.75
CA GLY B 1 31.80 -26.43 -24.24
C GLY B 1 30.81 -26.80 -25.32
N HIS B 2 29.58 -27.11 -24.91
CA HIS B 2 28.47 -27.42 -25.82
C HIS B 2 28.36 -26.43 -26.97
N MET B 3 27.64 -26.83 -28.02
CA MET B 3 27.24 -25.87 -29.05
C MET B 3 26.45 -24.72 -28.39
N ILE B 4 25.40 -25.08 -27.66
CA ILE B 4 24.40 -24.13 -27.17
C ILE B 4 24.96 -23.37 -25.99
N LYS B 5 25.04 -22.05 -26.15
CA LYS B 5 25.50 -21.13 -25.12
C LYS B 5 24.44 -20.38 -24.31
N ILE B 6 23.22 -20.29 -24.85
CA ILE B 6 22.21 -19.42 -24.24
C ILE B 6 20.82 -19.90 -24.60
N CYS B 7 19.91 -19.78 -23.63
CA CYS B 7 18.51 -20.04 -23.88
C CYS B 7 17.79 -18.76 -23.51
N ILE B 8 16.90 -18.39 -24.43
CA ILE B 8 15.92 -17.33 -24.17
C ILE B 8 14.61 -18.04 -23.97
N ALA B 9 14.02 -17.90 -22.77
CA ALA B 9 12.78 -18.55 -22.42
C ALA B 9 11.87 -17.35 -22.11
N GLY B 10 10.71 -17.43 -22.73
CA GLY B 10 9.63 -16.49 -22.38
C GLY B 10 8.92 -15.99 -23.62
N LYS B 11 8.53 -14.72 -23.56
CA LYS B 11 7.53 -14.22 -24.56
C LYS B 11 7.61 -12.71 -24.73
N ASN B 12 6.91 -12.27 -25.79
CA ASN B 12 6.54 -10.85 -26.01
C ASN B 12 7.72 -10.03 -26.47
N ASN B 13 7.51 -8.72 -26.59
CA ASN B 13 8.49 -7.87 -27.23
C ASN B 13 9.84 -7.92 -26.53
N ILE B 14 9.83 -8.00 -25.21
CA ILE B 14 11.10 -8.07 -24.49
C ILE B 14 11.91 -9.34 -24.85
N ALA B 15 11.29 -10.49 -24.97
CA ALA B 15 12.04 -11.72 -25.31
C ALA B 15 12.53 -11.60 -26.75
N VAL B 16 11.67 -11.18 -27.67
CA VAL B 16 12.05 -11.16 -29.08
C VAL B 16 13.14 -10.12 -29.29
N ASN B 17 12.97 -8.90 -28.79
CA ASN B 17 13.95 -7.85 -28.99
C ASN B 17 15.30 -8.10 -28.32
N SER B 18 15.27 -8.79 -27.19
CA SER B 18 16.52 -9.16 -26.53
C SER B 18 17.24 -10.25 -27.33
N LEU B 19 16.51 -11.24 -27.80
CA LEU B 19 17.03 -12.29 -28.69
C LEU B 19 17.62 -11.62 -29.94
N GLN B 20 16.84 -10.76 -30.58
CA GLN B 20 17.38 -10.08 -31.77
C GLN B 20 18.71 -9.38 -31.44
N PHE B 21 18.82 -8.75 -30.28
CA PHE B 21 20.03 -8.07 -29.85
C PHE B 21 21.18 -9.06 -29.67
N ILE B 22 20.91 -10.24 -29.09
CA ILE B 22 21.92 -11.27 -28.86
C ILE B 22 22.50 -11.76 -30.21
N LEU B 23 21.59 -11.93 -31.17
CA LEU B 23 21.91 -12.45 -32.50
C LEU B 23 22.75 -11.44 -33.27
N LYS B 24 22.44 -10.17 -33.13
CA LYS B 24 23.20 -9.09 -33.75
C LYS B 24 24.59 -8.87 -33.17
N ASN B 25 24.79 -9.20 -31.89
CA ASN B 25 25.97 -8.68 -31.20
C ASN B 25 26.85 -9.71 -30.51
N TYR B 26 26.36 -10.93 -30.28
CA TYR B 26 27.04 -11.83 -29.37
C TYR B 26 27.05 -13.29 -29.81
N PHE B 27 25.99 -13.78 -30.42
CA PHE B 27 25.85 -15.22 -30.62
C PHE B 27 25.18 -15.52 -31.96
N GLU B 28 25.47 -16.68 -32.53
CA GLU B 28 24.88 -17.06 -33.82
C GLU B 28 23.72 -18.01 -33.54
N ALA B 29 22.86 -18.15 -34.55
CA ALA B 29 21.67 -18.98 -34.38
C ALA B 29 21.92 -20.37 -33.82
N ASP B 30 22.99 -21.02 -34.27
CA ASP B 30 23.24 -22.40 -33.85
C ASP B 30 23.81 -22.54 -32.43
N GLN B 31 23.98 -21.39 -31.77
CA GLN B 31 24.41 -21.30 -30.37
C GLN B 31 23.28 -20.93 -29.40
N ILE B 32 22.07 -20.84 -29.95
CA ILE B 32 20.92 -20.31 -29.19
C ILE B 32 19.79 -21.32 -29.21
N VAL B 33 19.07 -21.46 -28.10
CA VAL B 33 17.82 -22.20 -28.14
C VAL B 33 16.78 -21.28 -27.50
N VAL B 34 15.52 -21.65 -27.74
CA VAL B 34 14.43 -20.91 -27.13
C VAL B 34 13.41 -21.85 -26.52
N ILE B 35 12.80 -21.40 -25.40
CA ILE B 35 11.64 -22.10 -24.89
C ILE B 35 10.56 -21.03 -24.87
N PRO B 36 9.63 -21.14 -25.82
CA PRO B 36 8.52 -20.19 -25.79
C PRO B 36 7.62 -20.57 -24.62
N ASN B 37 6.75 -19.65 -24.21
CA ASN B 37 5.68 -20.00 -23.29
C ASN B 37 4.63 -20.89 -23.90
N LYS B 38 3.82 -21.52 -23.07
CA LYS B 38 2.92 -22.60 -23.48
C LYS B 38 1.87 -22.04 -24.44
N ASN B 39 1.49 -20.79 -24.22
CA ASN B 39 0.47 -20.15 -25.03
C ASN B 39 0.91 -19.54 -26.35
N ASP B 40 2.20 -19.61 -26.68
CA ASP B 40 2.70 -18.97 -27.90
C ASP B 40 2.22 -19.81 -29.09
N LYS B 41 1.43 -19.15 -29.94
CA LYS B 41 0.80 -19.73 -31.13
C LYS B 41 1.66 -19.46 -32.37
N GLY B 42 2.76 -18.73 -32.24
CA GLY B 42 3.63 -18.41 -33.36
C GLY B 42 3.08 -17.27 -34.21
N ILE B 43 2.19 -16.43 -33.67
CA ILE B 43 1.58 -15.34 -34.46
C ILE B 43 1.95 -14.00 -33.85
N ASP B 44 2.51 -13.05 -34.60
CA ASP B 44 2.72 -11.68 -34.12
C ASP B 44 1.36 -11.02 -33.97
N SER B 45 1.07 -10.48 -32.79
CA SER B 45 -0.23 -9.86 -32.52
CA SER B 45 -0.22 -9.87 -32.52
C SER B 45 0.04 -8.48 -31.96
N TRP B 46 -0.55 -8.16 -30.80
CA TRP B 46 -0.18 -6.90 -30.19
C TRP B 46 1.20 -6.95 -29.51
N GLN B 47 1.74 -8.17 -29.41
CA GLN B 47 3.16 -8.39 -29.11
C GLN B 47 3.73 -9.33 -30.17
N LYS B 48 5.04 -9.23 -30.33
CA LYS B 48 5.74 -10.20 -31.18
C LYS B 48 5.85 -11.56 -30.52
N SER B 49 5.89 -12.59 -31.38
CA SER B 49 5.93 -13.99 -30.95
C SER B 49 7.35 -14.51 -30.97
N LEU B 50 7.79 -15.00 -29.80
CA LEU B 50 9.15 -15.59 -29.74
C LEU B 50 9.28 -16.89 -30.57
N LEU B 51 8.26 -17.72 -30.55
CA LEU B 51 8.20 -18.93 -31.38
C LEU B 51 8.39 -18.53 -32.86
N LYS B 52 7.65 -17.52 -33.33
CA LYS B 52 7.77 -17.09 -34.73
C LYS B 52 9.17 -16.59 -35.01
N PHE B 53 9.71 -15.73 -34.17
CA PHE B 53 11.03 -15.18 -34.40
C PHE B 53 12.05 -16.33 -34.51
N ALA B 54 11.98 -17.28 -33.58
CA ALA B 54 12.95 -18.38 -33.63
C ALA B 54 12.80 -19.17 -34.94
N LEU B 55 11.57 -19.51 -35.31
CA LEU B 55 11.38 -20.29 -36.55
C LEU B 55 11.89 -19.47 -37.73
N ASP B 56 11.56 -18.18 -37.80
CA ASP B 56 12.05 -17.33 -38.90
C ASP B 56 13.56 -17.20 -38.96
N ASN B 57 14.26 -17.46 -37.86
CA ASN B 57 15.69 -17.21 -37.82
C ASN B 57 16.51 -18.47 -37.59
N ASN B 58 15.88 -19.63 -37.72
CA ASN B 58 16.63 -20.88 -37.64
CA ASN B 58 16.55 -20.93 -37.61
C ASN B 58 17.24 -21.07 -36.25
N ILE B 59 16.48 -20.78 -35.20
CA ILE B 59 16.87 -21.00 -33.78
C ILE B 59 16.05 -22.16 -33.24
N LYS B 60 16.71 -23.19 -32.70
CA LYS B 60 16.04 -24.38 -32.22
C LYS B 60 15.03 -24.18 -31.07
N ILE B 61 13.87 -24.83 -31.12
CA ILE B 61 12.89 -24.76 -30.04
C ILE B 61 13.01 -26.03 -29.17
N VAL B 62 13.11 -25.85 -27.85
CA VAL B 62 13.50 -26.92 -26.94
C VAL B 62 12.56 -26.94 -25.73
N THR B 63 12.67 -27.98 -24.92
CA THR B 63 12.08 -28.06 -23.60
C THR B 63 13.12 -27.83 -22.53
N LEU B 64 12.64 -27.62 -21.30
CA LEU B 64 13.54 -27.45 -20.16
C LEU B 64 14.38 -28.73 -20.04
N ASP B 65 13.69 -29.86 -20.12
CA ASP B 65 14.39 -31.10 -19.82
CA ASP B 65 14.28 -31.19 -19.94
C ASP B 65 15.54 -31.28 -20.80
N GLU B 66 15.51 -30.56 -21.91
CA GLU B 66 16.53 -30.70 -22.94
C GLU B 66 17.75 -29.81 -22.66
N ILE B 67 17.65 -28.83 -21.77
CA ILE B 67 18.82 -28.00 -21.48
C ILE B 67 19.36 -28.18 -20.04
N TYR B 68 18.69 -28.94 -19.17
CA TYR B 68 19.12 -29.04 -17.76
C TYR B 68 20.57 -29.51 -17.71
N ASN B 69 20.92 -30.52 -18.49
CA ASN B 69 22.29 -31.04 -18.38
C ASN B 69 23.32 -30.26 -19.19
N ILE B 70 22.94 -29.12 -19.75
CA ILE B 70 23.90 -28.39 -20.60
C ILE B 70 24.85 -27.47 -19.83
N GLU B 71 26.13 -27.85 -19.84
CA GLU B 71 27.15 -27.18 -19.04
C GLU B 71 27.33 -25.73 -19.42
N GLN B 72 27.37 -24.86 -18.41
CA GLN B 72 27.63 -23.43 -18.61
C GLN B 72 26.63 -22.58 -19.41
N ILE B 73 25.48 -23.13 -19.80
CA ILE B 73 24.49 -22.32 -20.56
C ILE B 73 24.05 -21.09 -19.77
N ILE B 74 23.87 -19.95 -20.45
CA ILE B 74 23.18 -18.82 -19.80
C ILE B 74 21.68 -19.01 -19.99
N PHE B 75 20.91 -19.08 -18.90
CA PHE B 75 19.47 -19.24 -19.03
C PHE B 75 18.84 -17.91 -18.65
N PHE B 76 18.09 -17.34 -19.60
CA PHE B 76 17.52 -16.01 -19.39
C PHE B 76 16.02 -16.14 -19.55
N SER B 77 15.29 -15.88 -18.46
CA SER B 77 13.83 -15.79 -18.46
C SER B 77 13.43 -14.32 -18.69
N LEU B 78 12.64 -14.14 -19.76
CA LEU B 78 12.08 -12.81 -20.15
C LEU B 78 10.59 -13.06 -20.30
N GLU B 79 9.88 -12.88 -19.20
CA GLU B 79 8.50 -13.27 -19.08
C GLU B 79 8.16 -14.74 -19.27
N PHE B 80 9.13 -15.58 -18.83
CA PHE B 80 8.92 -17.03 -18.89
C PHE B 80 7.85 -17.54 -17.93
N ASP B 81 7.07 -18.53 -18.32
CA ASP B 81 5.92 -18.97 -17.55
C ASP B 81 6.14 -20.16 -16.59
N GLN B 82 7.37 -20.69 -16.58
CA GLN B 82 7.65 -21.89 -15.77
C GLN B 82 8.60 -21.56 -14.63
N ILE B 83 8.19 -21.97 -13.42
CA ILE B 83 9.00 -21.94 -12.21
CA ILE B 83 9.09 -21.86 -12.26
C ILE B 83 10.08 -23.02 -12.35
N ILE B 84 11.33 -22.62 -12.41
CA ILE B 84 12.40 -23.65 -12.54
C ILE B 84 12.85 -24.04 -11.12
N LYS B 85 13.44 -25.22 -11.04
CA LYS B 85 14.19 -25.71 -9.85
C LYS B 85 15.68 -25.65 -10.19
N ILE B 86 16.49 -24.86 -9.49
CA ILE B 86 17.83 -24.59 -9.84
C ILE B 86 18.73 -25.85 -9.78
N GLU B 87 18.35 -26.82 -8.97
CA GLU B 87 19.22 -28.00 -8.82
C GLU B 87 19.06 -28.89 -10.05
N ASN B 88 18.02 -28.69 -10.87
CA ASN B 88 17.87 -29.45 -12.12
C ASN B 88 19.01 -29.10 -13.05
N PHE B 89 19.65 -27.95 -12.86
CA PHE B 89 20.47 -27.31 -13.87
C PHE B 89 21.91 -27.58 -13.49
N LYS B 90 22.66 -28.15 -14.44
CA LYS B 90 24.11 -28.11 -14.29
C LYS B 90 24.70 -26.71 -14.17
N SER B 91 24.22 -25.76 -14.95
CA SER B 91 24.70 -24.38 -14.86
C SER B 91 24.04 -23.56 -13.71
N ASP B 92 24.76 -22.55 -13.25
CA ASP B 92 24.27 -21.60 -12.23
C ASP B 92 24.08 -20.20 -12.82
N ARG B 93 24.06 -20.14 -14.14
CA ARG B 93 23.96 -18.86 -14.83
C ARG B 93 22.49 -18.65 -15.23
N LEU B 94 21.67 -18.31 -14.24
CA LEU B 94 20.21 -18.37 -14.39
C LEU B 94 19.67 -16.98 -14.00
N PHE B 95 19.03 -16.29 -14.97
CA PHE B 95 18.68 -14.87 -14.78
C PHE B 95 17.26 -14.59 -15.27
N ASN B 96 16.65 -13.59 -14.62
CA ASN B 96 15.28 -13.13 -14.92
C ASN B 96 15.31 -11.61 -14.85
N ILE B 97 14.48 -10.99 -15.71
CA ILE B 97 14.06 -9.61 -15.49
C ILE B 97 12.61 -9.61 -15.02
N HIS B 98 12.47 -9.06 -13.80
CA HIS B 98 11.15 -8.97 -13.16
C HIS B 98 10.59 -7.54 -13.31
N PHE B 99 9.31 -7.58 -13.70
CA PHE B 99 8.57 -6.32 -13.94
C PHE B 99 8.03 -5.74 -12.62
N SER B 100 8.91 -5.39 -11.70
CA SER B 100 8.61 -4.50 -10.58
C SER B 100 9.89 -3.98 -9.99
N ALA B 101 9.78 -2.99 -9.11
CA ALA B 101 10.93 -2.54 -8.31
C ALA B 101 11.02 -3.40 -7.07
N LEU B 102 11.69 -4.55 -7.25
CA LEU B 102 11.91 -5.49 -6.13
C LEU B 102 12.61 -4.74 -4.99
N PRO B 103 12.27 -5.08 -3.74
CA PRO B 103 11.59 -6.28 -3.32
C PRO B 103 10.08 -6.24 -3.36
N LYS B 104 9.50 -5.08 -3.74
CA LYS B 104 8.03 -5.01 -3.82
C LYS B 104 7.49 -5.74 -5.06
N TYR B 105 6.26 -6.24 -4.93
CA TYR B 105 5.48 -6.76 -6.04
C TYR B 105 6.13 -7.94 -6.75
N LYS B 106 6.64 -8.85 -5.93
CA LYS B 106 6.90 -10.21 -6.45
C LYS B 106 5.59 -10.87 -6.91
N GLY B 107 5.71 -11.93 -7.70
CA GLY B 107 4.55 -12.69 -8.10
C GLY B 107 4.09 -12.24 -9.48
N VAL B 108 2.79 -12.10 -9.62
CA VAL B 108 2.16 -11.95 -10.94
C VAL B 108 1.34 -10.67 -11.02
N PHE B 109 0.80 -10.42 -12.22
CA PHE B 109 -0.08 -9.24 -12.45
C PHE B 109 0.60 -7.97 -12.02
N THR B 110 1.89 -7.76 -12.33
CA THR B 110 2.59 -6.62 -11.78
C THR B 110 2.27 -5.32 -12.51
N SER B 111 1.52 -5.35 -13.61
CA SER B 111 1.03 -4.10 -14.21
C SER B 111 -0.24 -3.71 -13.49
N ILE B 112 -0.84 -4.55 -12.66
CA ILE B 112 -2.05 -4.24 -11.88
C ILE B 112 -1.66 -3.89 -10.45
N THR B 113 -0.88 -4.74 -9.78
CA THR B 113 -0.71 -4.62 -8.34
C THR B 113 -0.10 -3.28 -7.88
N PRO B 114 0.91 -2.69 -8.52
CA PRO B 114 1.41 -1.42 -7.97
C PRO B 114 0.38 -0.31 -8.11
N ILE B 115 -0.38 -0.33 -9.19
CA ILE B 115 -1.40 0.76 -9.37
C ILE B 115 -2.47 0.57 -8.32
N LEU B 116 -2.94 -0.65 -8.12
CA LEU B 116 -4.00 -0.93 -7.18
C LEU B 116 -3.57 -0.64 -5.76
N ASN B 117 -2.28 -0.70 -5.48
CA ASN B 117 -1.76 -0.37 -4.17
C ASN B 117 -1.18 1.02 -4.11
N ASN B 118 -1.66 1.85 -5.05
CA ASN B 118 -1.50 3.31 -4.88
C ASN B 118 -0.07 3.83 -5.09
N GLU B 119 0.79 3.08 -5.81
CA GLU B 119 2.14 3.51 -6.08
C GLU B 119 2.24 4.62 -7.12
N LEU B 120 3.26 5.44 -6.95
CA LEU B 120 3.58 6.50 -7.93
C LEU B 120 4.73 6.11 -8.86
N GLU B 121 5.41 5.00 -8.54
CA GLU B 121 6.51 4.51 -9.35
C GLU B 121 6.52 3.00 -9.39
N SER B 122 7.20 2.50 -10.41
CA SER B 122 7.47 1.06 -10.42
C SER B 122 8.89 0.87 -10.91
N GLY B 123 9.20 -0.30 -11.46
CA GLY B 123 10.55 -0.47 -12.02
C GLY B 123 10.67 -1.83 -12.67
N VAL B 124 11.86 -2.05 -13.26
CA VAL B 124 12.26 -3.37 -13.73
C VAL B 124 13.52 -3.78 -12.96
N THR B 125 13.64 -5.08 -12.67
CA THR B 125 14.77 -5.58 -11.87
C THR B 125 15.36 -6.84 -12.48
N LEU B 126 16.65 -6.71 -12.82
CA LEU B 126 17.39 -7.90 -13.26
C LEU B 126 17.96 -8.66 -12.04
N HIS B 127 17.69 -9.95 -11.92
CA HIS B 127 18.14 -10.67 -10.73
C HIS B 127 18.55 -12.09 -11.10
N ARG B 128 19.30 -12.77 -10.21
CA ARG B 128 19.53 -14.20 -10.34
C ARG B 128 18.28 -14.96 -10.03
N ILE B 129 18.01 -16.07 -10.69
CA ILE B 129 16.92 -16.91 -10.33
C ILE B 129 17.43 -17.82 -9.21
N ASP B 130 16.69 -17.80 -8.12
CA ASP B 130 16.74 -18.86 -7.09
C ASP B 130 15.47 -19.65 -7.02
N ASN B 131 15.27 -20.59 -6.09
CA ASN B 131 14.11 -21.44 -6.12
C ASN B 131 12.79 -20.76 -5.80
N GLY B 132 12.89 -19.56 -5.23
CA GLY B 132 11.66 -18.79 -4.91
C GLY B 132 11.22 -17.97 -6.10
N ILE B 133 10.02 -17.41 -5.89
CA ILE B 133 9.41 -16.52 -6.92
C ILE B 133 9.92 -15.09 -6.77
N ASP B 134 10.80 -14.66 -7.67
CA ASP B 134 11.32 -13.31 -7.79
C ASP B 134 12.10 -12.88 -6.55
N THR B 135 12.72 -13.89 -5.93
CA THR B 135 13.40 -13.74 -4.62
C THR B 135 14.91 -13.63 -4.69
N GLY B 136 15.48 -13.95 -5.85
CA GLY B 136 16.93 -13.99 -6.01
C GLY B 136 17.65 -12.67 -5.95
N ASN B 137 18.97 -12.70 -5.91
CA ASN B 137 19.76 -11.52 -5.67
C ASN B 137 19.69 -10.53 -6.84
N ILE B 138 19.64 -9.24 -6.52
CA ILE B 138 19.36 -8.20 -7.49
C ILE B 138 20.68 -7.80 -8.11
N ILE B 139 20.73 -7.79 -9.45
CA ILE B 139 21.87 -7.33 -10.20
C ILE B 139 21.78 -5.86 -10.61
N ASP B 140 20.61 -5.46 -11.13
CA ASP B 140 20.44 -4.06 -11.50
C ASP B 140 18.94 -3.75 -11.40
N GLN B 141 18.63 -2.47 -11.27
CA GLN B 141 17.22 -2.06 -11.22
C GLN B 141 17.11 -0.69 -11.84
N HIS B 142 16.02 -0.45 -12.57
CA HIS B 142 15.67 0.87 -13.07
C HIS B 142 14.25 1.19 -12.62
N CYS B 143 14.10 2.23 -11.82
CA CYS B 143 12.77 2.68 -11.37
C CYS B 143 12.28 3.79 -12.32
N PHE B 144 10.96 3.88 -12.49
CA PHE B 144 10.38 4.89 -13.38
C PHE B 144 8.96 5.21 -12.87
N PRO B 145 8.42 6.37 -13.26
CA PRO B 145 7.13 6.79 -12.75
C PRO B 145 5.98 5.97 -13.35
N ILE B 146 4.98 5.77 -12.51
CA ILE B 146 3.63 5.48 -13.00
C ILE B 146 2.88 6.83 -13.07
N ASP B 147 2.71 7.31 -14.29
CA ASP B 147 2.08 8.63 -14.43
C ASP B 147 0.65 8.50 -13.94
N ILE B 148 0.10 9.62 -13.48
CA ILE B 148 -1.15 9.58 -12.77
C ILE B 148 -2.29 8.98 -13.56
N ASN B 149 -2.33 9.15 -14.88
CA ASN B 149 -3.38 8.57 -15.68
C ASN B 149 -3.01 7.32 -16.47
N ASP B 150 -1.82 6.78 -16.17
CA ASP B 150 -1.41 5.52 -16.82
C ASP B 150 -2.35 4.37 -16.46
N THR B 151 -2.67 3.55 -17.45
CA THR B 151 -3.41 2.31 -17.17
C THR B 151 -2.44 1.12 -16.94
N ALA B 152 -3.02 0.00 -16.54
CA ALA B 152 -2.18 -1.22 -16.48
C ALA B 152 -1.47 -1.52 -17.82
N ARG B 153 -2.17 -1.34 -18.93
CA ARG B 153 -1.57 -1.53 -20.25
C ARG B 153 -0.40 -0.58 -20.45
N ASP B 154 -0.58 0.71 -20.14
CA ASP B 154 0.52 1.65 -20.32
C ASP B 154 1.71 1.24 -19.46
N LEU B 155 1.46 0.83 -18.22
CA LEU B 155 2.57 0.35 -17.36
C LEU B 155 3.25 -0.90 -17.95
N TYR B 156 2.48 -1.82 -18.53
CA TYR B 156 3.10 -3.02 -19.12
C TYR B 156 3.99 -2.58 -20.27
N PHE B 157 3.53 -1.69 -21.17
CA PHE B 157 4.44 -1.29 -22.23
C PHE B 157 5.69 -0.60 -21.72
N ASN B 158 5.63 0.17 -20.63
CA ASN B 158 6.86 0.68 -20.01
C ASN B 158 7.73 -0.47 -19.46
N TYR B 159 7.17 -1.48 -18.81
CA TYR B 159 8.02 -2.64 -18.38
C TYR B 159 8.74 -3.24 -19.59
N LEU B 160 8.04 -3.39 -20.72
CA LEU B 160 8.67 -4.01 -21.88
C LEU B 160 9.83 -3.12 -22.32
N LYS B 161 9.64 -1.82 -22.38
CA LYS B 161 10.66 -0.88 -22.83
C LYS B 161 11.83 -0.81 -21.88
N TYR B 162 11.57 -0.62 -20.60
CA TYR B 162 12.69 -0.47 -19.69
C TYR B 162 13.34 -1.83 -19.44
N GLY B 163 12.58 -2.90 -19.56
CA GLY B 163 13.15 -4.25 -19.43
C GLY B 163 14.10 -4.59 -20.58
N GLU B 164 13.67 -4.30 -21.81
CA GLU B 164 14.60 -4.48 -22.93
C GLU B 164 15.85 -3.66 -22.70
N SER B 165 15.74 -2.43 -22.22
CA SER B 165 16.90 -1.57 -21.99
C SER B 165 17.81 -2.11 -20.91
N ILE B 166 17.26 -2.55 -19.79
CA ILE B 166 18.13 -3.11 -18.71
C ILE B 166 18.82 -4.39 -19.16
N PHE B 167 18.21 -5.15 -20.05
CA PHE B 167 18.85 -6.33 -20.64
C PHE B 167 20.10 -5.92 -21.43
N LYS B 168 19.97 -4.88 -22.25
CA LYS B 168 21.05 -4.48 -23.16
C LYS B 168 22.14 -3.87 -22.29
N LYS B 169 21.73 -3.17 -21.23
CA LYS B 169 22.67 -2.52 -20.32
C LYS B 169 23.58 -3.50 -19.57
N ASN B 170 23.14 -4.73 -19.35
CA ASN B 170 23.77 -5.64 -18.39
C ASN B 170 24.34 -6.92 -19.04
N ILE B 171 24.00 -7.19 -20.30
CA ILE B 171 24.25 -8.49 -20.88
C ILE B 171 25.76 -8.77 -21.06
N GLN B 172 26.54 -7.73 -21.31
CA GLN B 172 27.99 -7.92 -21.43
C GLN B 172 28.55 -8.57 -20.15
N THR B 173 28.14 -8.05 -18.98
CA THR B 173 28.61 -8.57 -17.68
C THR B 173 28.09 -9.95 -17.36
N ILE B 174 26.92 -10.33 -17.84
CA ILE B 174 26.43 -11.68 -17.64
C ILE B 174 27.26 -12.62 -18.53
N ILE B 175 27.50 -12.20 -19.76
CA ILE B 175 28.32 -13.00 -20.67
C ILE B 175 29.73 -13.18 -20.11
N ASN B 176 30.35 -12.12 -19.61
CA ASN B 176 31.67 -12.29 -19.00
CA ASN B 176 31.67 -12.17 -18.96
C ASN B 176 31.68 -12.73 -17.54
N ASN B 177 30.49 -12.89 -16.94
CA ASN B 177 30.35 -13.38 -15.57
C ASN B 177 31.02 -12.46 -14.55
N SER B 178 31.06 -11.17 -14.85
CA SER B 178 31.71 -10.18 -14.00
C SER B 178 30.71 -9.33 -13.22
N TYR B 179 29.41 -9.66 -13.30
CA TYR B 179 28.38 -8.83 -12.70
C TYR B 179 28.44 -8.96 -11.18
N LYS B 180 27.82 -8.00 -10.51
CA LYS B 180 27.72 -7.98 -9.07
C LYS B 180 26.27 -8.00 -8.65
N ASP B 181 25.97 -8.61 -7.51
CA ASP B 181 24.59 -8.67 -7.03
C ASP B 181 24.50 -8.48 -5.52
N LEU B 182 23.27 -8.32 -5.02
CA LEU B 182 23.02 -8.06 -3.59
C LEU B 182 21.75 -8.79 -3.20
N LYS B 183 21.72 -9.42 -2.02
CA LYS B 183 20.54 -10.16 -1.59
C LYS B 183 19.42 -9.15 -1.35
N GLN B 184 18.19 -9.60 -1.61
CA GLN B 184 17.02 -8.79 -1.28
C GLN B 184 16.78 -8.66 0.22
N THR B 185 16.30 -7.49 0.65
CA THR B 185 15.81 -7.26 2.02
C THR B 185 14.55 -8.04 2.40
N ASN B 186 14.28 -8.32 3.68
CA ASN B 186 12.99 -8.83 4.11
C ASN B 186 11.98 -7.66 4.16
N ILE B 187 12.42 -6.47 4.52
CA ILE B 187 11.42 -5.42 4.67
CA ILE B 187 11.55 -5.29 4.68
C ILE B 187 11.09 -4.85 3.29
N ASN B 188 9.84 -4.41 3.18
CA ASN B 188 9.25 -3.91 1.91
C ASN B 188 8.94 -5.00 0.91
N SER B 189 9.29 -6.25 1.20
CA SER B 189 9.00 -7.33 0.30
C SER B 189 7.48 -7.59 0.25
N SER B 190 6.92 -7.67 -0.96
CA SER B 190 5.53 -8.01 -1.10
C SER B 190 5.27 -8.93 -2.31
N TYR B 191 4.11 -9.57 -2.32
CA TYR B 191 3.90 -10.66 -3.28
C TYR B 191 2.41 -10.79 -3.52
N PHE B 192 2.07 -10.97 -4.80
CA PHE B 192 0.69 -11.29 -5.16
C PHE B 192 0.61 -12.50 -6.10
N SER B 193 -0.30 -13.41 -5.76
CA SER B 193 -0.55 -14.56 -6.64
C SER B 193 -1.78 -14.36 -7.50
N ARG B 194 -2.03 -15.25 -8.46
CA ARG B 194 -3.21 -15.09 -9.32
C ARG B 194 -4.49 -14.97 -8.49
N LYS B 195 -4.61 -15.76 -7.43
CA LYS B 195 -5.76 -15.82 -6.56
C LYS B 195 -6.03 -14.48 -5.86
N ASP B 196 -5.00 -13.64 -5.68
CA ASP B 196 -5.19 -12.45 -4.88
C ASP B 196 -5.92 -11.39 -5.73
N ILE B 197 -5.98 -11.58 -7.04
CA ILE B 197 -6.54 -10.49 -7.88
C ILE B 197 -7.78 -11.04 -8.58
N ASN B 198 -8.95 -10.47 -8.29
CA ASN B 198 -10.14 -10.76 -9.08
C ASN B 198 -10.18 -9.86 -10.32
N LEU B 199 -10.06 -10.47 -11.49
CA LEU B 199 -9.90 -9.73 -12.72
C LEU B 199 -11.21 -9.06 -13.15
N VAL B 200 -12.33 -9.43 -12.54
CA VAL B 200 -13.58 -8.71 -12.72
C VAL B 200 -13.69 -7.86 -11.47
N HIS B 201 -13.16 -6.63 -11.56
CA HIS B 201 -13.02 -5.85 -10.33
C HIS B 201 -14.35 -5.12 -10.08
N LYS B 202 -14.81 -5.20 -8.84
CA LYS B 202 -15.93 -4.43 -8.32
C LYS B 202 -15.39 -3.23 -7.53
N ILE B 203 -15.71 -2.04 -8.00
CA ILE B 203 -15.08 -0.83 -7.45
C ILE B 203 -15.71 -0.51 -6.11
N ASN B 204 -14.87 -0.17 -5.14
CA ASN B 204 -15.34 0.28 -3.84
C ASN B 204 -15.28 1.80 -3.98
N PHE B 205 -16.48 2.41 -4.01
CA PHE B 205 -16.59 3.87 -4.12
C PHE B 205 -16.44 4.63 -2.81
N LYS B 206 -16.50 3.92 -1.68
CA LYS B 206 -16.27 4.58 -0.37
C LYS B 206 -14.77 4.68 -0.12
N LYS B 207 -14.08 5.42 -0.97
CA LYS B 207 -12.62 5.51 -1.04
C LYS B 207 -12.31 6.87 -1.55
N THR B 208 -11.05 7.29 -1.52
CA THR B 208 -10.66 8.61 -2.02
C THR B 208 -10.74 8.60 -3.54
N SER B 209 -10.74 9.78 -4.15
CA SER B 209 -10.73 9.82 -5.61
C SER B 209 -9.49 9.12 -6.16
N PHE B 210 -8.32 9.33 -5.58
CA PHE B 210 -7.09 8.64 -6.03
C PHE B 210 -7.28 7.12 -5.98
N GLU B 211 -7.90 6.59 -4.92
CA GLU B 211 -8.13 5.15 -4.83
C GLU B 211 -9.17 4.69 -5.83
N ILE B 212 -10.26 5.41 -6.10
CA ILE B 212 -11.24 4.99 -7.08
C ILE B 212 -10.62 4.99 -8.48
N HIS B 213 -9.89 6.04 -8.79
CA HIS B 213 -9.19 6.17 -10.06
C HIS B 213 -8.17 5.01 -10.23
N ASN B 214 -7.45 4.66 -9.17
CA ASN B 214 -6.45 3.57 -9.26
C ASN B 214 -7.17 2.28 -9.45
N GLN B 215 -8.29 2.03 -8.81
CA GLN B 215 -9.10 0.86 -9.00
C GLN B 215 -9.54 0.70 -10.45
N ILE B 216 -9.93 1.80 -11.06
CA ILE B 216 -10.39 1.73 -12.47
C ILE B 216 -9.17 1.45 -13.35
N ARG B 217 -8.12 2.26 -13.30
CA ARG B 217 -7.05 2.20 -14.28
C ARG B 217 -6.19 0.91 -14.14
N ALA B 218 -6.14 0.36 -12.93
CA ALA B 218 -5.33 -0.85 -12.73
C ALA B 218 -5.91 -1.98 -13.53
N PHE B 219 -7.17 -1.93 -13.96
CA PHE B 219 -7.79 -3.03 -14.70
C PHE B 219 -8.01 -2.73 -16.18
N ILE B 220 -7.56 -1.57 -16.61
CA ILE B 220 -7.68 -1.23 -18.01
C ILE B 220 -6.51 -1.85 -18.78
N PHE B 221 -6.86 -2.93 -19.49
CA PHE B 221 -5.84 -3.59 -20.34
C PHE B 221 -6.66 -4.37 -21.37
N GLN B 222 -7.02 -3.67 -22.44
CA GLN B 222 -8.17 -4.06 -23.25
C GLN B 222 -8.03 -5.46 -23.90
N GLU B 223 -6.83 -5.89 -24.28
CA GLU B 223 -6.68 -7.25 -24.81
C GLU B 223 -7.14 -8.35 -23.85
N TYR B 224 -7.22 -8.04 -22.56
CA TYR B 224 -7.67 -8.93 -21.53
C TYR B 224 -9.05 -8.54 -21.02
N GLN B 225 -9.16 -7.35 -20.45
CA GLN B 225 -10.42 -6.89 -19.89
C GLN B 225 -10.40 -5.38 -19.72
N LEU B 226 -11.63 -4.90 -19.46
CA LEU B 226 -11.85 -3.51 -19.02
C LEU B 226 -12.80 -3.52 -17.85
N PRO B 227 -12.60 -2.57 -16.93
CA PRO B 227 -13.51 -2.48 -15.78
C PRO B 227 -14.87 -1.98 -16.25
N ILE B 228 -15.91 -2.40 -15.53
CA ILE B 228 -17.29 -2.08 -15.90
C ILE B 228 -17.94 -1.27 -14.79
N ILE B 229 -18.50 -0.12 -15.15
CA ILE B 229 -19.24 0.72 -14.20
C ILE B 229 -20.64 0.85 -14.79
N ASN B 230 -21.68 0.55 -14.00
CA ASN B 230 -23.04 0.66 -14.50
C ASN B 230 -23.19 0.04 -15.90
N ASN B 231 -22.66 -1.17 -16.02
CA ASN B 231 -22.83 -1.93 -17.26
C ASN B 231 -22.24 -1.22 -18.47
N SER B 232 -21.20 -0.42 -18.24
CA SER B 232 -20.44 0.16 -19.33
C SER B 232 -18.95 -0.15 -19.14
N LYS B 233 -18.28 -0.63 -20.19
CA LYS B 233 -16.81 -0.82 -20.13
C LYS B 233 -16.12 0.53 -20.19
N ILE B 234 -15.10 0.69 -19.36
CA ILE B 234 -14.30 1.89 -19.23
C ILE B 234 -12.91 1.79 -19.88
N ILE B 235 -12.55 2.72 -20.74
CA ILE B 235 -11.27 2.68 -21.46
C ILE B 235 -10.24 3.63 -20.90
N LYS B 236 -10.61 4.64 -20.10
CA LYS B 236 -9.60 5.56 -19.61
C LYS B 236 -10.17 6.21 -18.36
N SER B 237 -9.35 6.51 -17.37
CA SER B 237 -9.73 7.34 -16.22
C SER B 237 -8.76 8.46 -16.10
N ILE B 238 -9.31 9.67 -15.82
CA ILE B 238 -8.51 10.89 -15.70
C ILE B 238 -8.79 11.56 -14.35
N LEU B 239 -7.74 11.69 -13.55
CA LEU B 239 -7.87 12.25 -12.18
C LEU B 239 -7.34 13.67 -12.17
N ALA B 240 -8.20 14.60 -11.70
CA ALA B 240 -7.82 15.99 -11.63
C ALA B 240 -7.70 16.42 -10.17
N ASN B 241 -7.02 17.55 -9.95
CA ASN B 241 -6.91 18.32 -8.71
CA ASN B 241 -7.04 18.09 -8.59
C ASN B 241 -8.16 19.11 -8.33
N GLU B 242 -9.17 19.11 -9.19
CA GLU B 242 -10.35 19.99 -9.01
C GLU B 242 -11.30 19.36 -7.98
N PHE B 243 -11.65 20.13 -6.96
CA PHE B 243 -12.69 19.73 -6.02
C PHE B 243 -14.11 19.90 -6.55
N ILE B 244 -14.96 18.90 -6.57
CA ILE B 244 -16.31 18.94 -7.13
C ILE B 244 -17.40 18.55 -6.14
N GLY B 245 -16.99 18.40 -4.86
CA GLY B 245 -17.92 17.88 -3.91
C GLY B 245 -17.61 16.43 -3.58
N TYR B 246 -17.97 15.99 -2.38
CA TYR B 246 -17.70 14.59 -1.95
C TYR B 246 -18.66 13.62 -2.61
N ASN B 247 -18.18 12.44 -3.02
CA ASN B 247 -19.06 11.33 -3.35
C ASN B 247 -20.01 11.62 -4.54
N VAL B 248 -19.41 12.27 -5.52
CA VAL B 248 -20.13 12.49 -6.79
C VAL B 248 -20.20 11.23 -7.64
N PHE B 249 -21.34 10.96 -8.27
CA PHE B 249 -21.43 9.84 -9.21
C PHE B 249 -22.53 10.13 -10.23
N GLU B 250 -22.12 10.42 -11.47
CA GLU B 250 -23.14 10.79 -12.49
C GLU B 250 -22.76 10.08 -13.80
N GLU B 251 -23.74 9.39 -14.38
CA GLU B 251 -23.56 8.68 -15.68
C GLU B 251 -23.99 9.56 -16.86
N PHE B 252 -23.08 9.76 -17.83
CA PHE B 252 -23.46 10.41 -19.10
C PHE B 252 -23.24 9.42 -20.25
N GLU B 253 -23.58 9.91 -21.45
CA GLU B 253 -23.57 9.05 -22.62
C GLU B 253 -22.18 8.47 -22.87
N ASN B 254 -21.16 9.31 -22.69
CA ASN B 254 -19.81 8.90 -23.06
C ASN B 254 -18.84 8.72 -21.90
N TYR B 255 -19.25 9.04 -20.67
CA TYR B 255 -18.34 9.00 -19.52
C TYR B 255 -19.13 9.08 -18.23
N PHE B 256 -18.44 8.81 -17.12
CA PHE B 256 -18.93 9.09 -15.78
C PHE B 256 -18.10 10.21 -15.19
N ILE B 257 -18.77 11.05 -14.37
CA ILE B 257 -18.06 11.96 -13.48
C ILE B 257 -18.22 11.43 -12.06
N ILE B 258 -17.06 11.24 -11.38
CA ILE B 258 -17.03 10.57 -10.09
C ILE B 258 -16.08 11.34 -9.19
N SER B 259 -16.44 11.36 -7.91
CA SER B 259 -15.46 11.75 -6.88
C SER B 259 -15.69 10.83 -5.69
N GLY B 260 -14.58 10.67 -4.94
CA GLY B 260 -14.64 9.87 -3.72
C GLY B 260 -14.79 10.72 -2.46
N ILE B 261 -14.32 10.20 -1.34
CA ILE B 261 -14.59 10.82 -0.05
C ILE B 261 -13.83 12.13 0.13
N ASP B 262 -12.84 12.39 -0.69
CA ASP B 262 -12.11 13.66 -0.67
C ASP B 262 -12.52 14.64 -1.81
N GLY B 263 -13.36 14.17 -2.72
CA GLY B 263 -14.07 15.17 -3.58
C GLY B 263 -13.35 15.50 -4.83
N PHE B 264 -12.24 14.89 -5.25
CA PHE B 264 -11.52 15.28 -6.46
C PHE B 264 -12.08 14.62 -7.72
N LYS B 265 -12.18 15.44 -8.78
CA LYS B 265 -12.82 15.03 -10.04
C LYS B 265 -12.11 13.87 -10.78
N ILE B 266 -12.91 12.86 -11.08
CA ILE B 266 -12.50 11.78 -11.97
C ILE B 266 -13.44 11.82 -13.17
N ILE B 267 -12.84 11.66 -14.34
CA ILE B 267 -13.64 11.42 -15.57
C ILE B 267 -13.33 9.96 -16.02
N ALA B 268 -14.32 9.09 -16.04
CA ALA B 268 -14.13 7.72 -16.47
C ALA B 268 -14.77 7.64 -17.87
N GLN B 269 -13.95 7.52 -18.91
CA GLN B 269 -14.45 7.49 -20.28
CA GLN B 269 -14.42 7.48 -20.31
C GLN B 269 -14.95 6.11 -20.66
N LYS B 270 -16.16 6.02 -21.21
CA LYS B 270 -16.72 4.79 -21.74
C LYS B 270 -16.02 4.37 -23.05
N LEU B 271 -15.82 3.06 -23.19
CA LEU B 271 -15.34 2.53 -24.47
C LEU B 271 -16.20 2.92 -25.67
N ASN B 272 -17.48 3.15 -25.44
CA ASN B 272 -18.35 3.48 -26.59
C ASN B 272 -18.18 4.87 -27.13
N LYS B 273 -17.42 5.73 -26.46
CA LYS B 273 -17.26 7.08 -26.97
C LYS B 273 -16.53 7.03 -28.31
N LEU B 274 -17.07 7.72 -29.31
CA LEU B 274 -16.40 7.71 -30.62
C LEU B 274 -14.95 8.22 -30.61
#